data_6AKZ
#
_entry.id   6AKZ
#
_cell.length_a   60.652
_cell.length_b   54.545
_cell.length_c   74.850
_cell.angle_alpha   90.00
_cell.angle_beta   105.61
_cell.angle_gamma   90.00
#
_symmetry.space_group_name_H-M   'P 1 21 1'
#
loop_
_entity.id
_entity.type
_entity.pdbx_description
1 polymer 'GlcNAc Inducible Gene 2, GIG2'
2 non-polymer 'FE (III) ION'
3 water water
#
_entity_poly.entity_id   1
_entity_poly.type   'polypeptide(L)'
_entity_poly.pdbx_seq_one_letter_code
;MSPSKLSNDETPPDLDFRFTGIKQRLIKSENVKQVTASWKRLLVEINKEFTEIAKIGPSYVPKCDFIDIKDNKLPQQVSE
LFKQRGCLMIENVIDVDRIDIWFNELVEFCKTHPETAGYTFPNPTSWYNVFWSKPQTEARFHPNMKAIFKAMSKEFYVED
KENCLIDLDTQLVYGDRIRIREPGKAAALPLHLDSSSIERWEDIMYSEVYKSIFEGDWENWDAFKLDERTYSKENLYKDE
DDTGGKSTICSSFRTLQGWLALSNNKSGEGTLRVLPSLKLSMAYIMLRPFFWKDPESGNIDDYEIDLITPKFPGTVPGTG
QLFLDKFYPHLHQGIISIPDVKKGSFVFWHCDLPHEVDREHNGNGHSSVLYYGQTPLSITNIQTLLDTRDAFLKNISPAD
YRSQLNEEEKQKEFQGANIDDLKNDIDSKRSMGLEEFEKPENMSGGQAKIRSIANQALKSSGFNVDKYIHHAAKLE
;
_entity_poly.pdbx_strand_id   A
#
# COMPACT_ATOMS: atom_id res chain seq x y z
N GLU A 10 9.24 -27.40 2.03
CA GLU A 10 8.81 -27.98 0.73
C GLU A 10 7.31 -27.94 0.68
N THR A 11 6.67 -28.40 1.75
CA THR A 11 5.22 -28.33 1.88
C THR A 11 4.83 -27.18 2.82
N PRO A 12 3.85 -26.35 2.43
CA PRO A 12 3.47 -25.29 3.36
C PRO A 12 2.79 -25.86 4.60
N PRO A 13 2.99 -25.25 5.79
CA PRO A 13 2.34 -25.73 6.98
C PRO A 13 0.82 -25.60 6.92
N ASP A 14 0.17 -26.41 7.73
CA ASP A 14 -1.25 -26.30 7.93
C ASP A 14 -1.47 -25.13 8.90
N LEU A 15 -2.53 -24.36 8.66
CA LEU A 15 -3.07 -23.45 9.68
C LEU A 15 -4.08 -24.27 10.47
N ASP A 16 -4.78 -23.66 11.43
CA ASP A 16 -5.99 -24.31 12.00
C ASP A 16 -6.98 -24.83 10.94
N PHE A 17 -7.73 -25.95 11.18
CA PHE A 17 -8.61 -26.55 10.10
C PHE A 17 -9.86 -25.73 9.76
N ARG A 18 -10.18 -24.73 10.59
CA ARG A 18 -11.17 -23.70 10.19
C ARG A 18 -10.91 -23.10 8.82
N PHE A 19 -9.63 -23.06 8.42
CA PHE A 19 -9.27 -22.45 7.13
C PHE A 19 -9.78 -23.24 5.96
N THR A 20 -10.09 -24.52 6.20
CA THR A 20 -10.74 -25.31 5.19
C THR A 20 -12.12 -24.78 4.81
N GLY A 21 -12.86 -24.31 5.79
CA GLY A 21 -14.19 -23.78 5.57
C GLY A 21 -14.10 -22.41 4.89
N ILE A 22 -13.02 -21.67 5.15
CA ILE A 22 -12.67 -20.45 4.37
C ILE A 22 -12.56 -20.81 2.87
N LYS A 23 -11.81 -21.87 2.54
CA LYS A 23 -11.72 -22.26 1.15
C LYS A 23 -13.05 -22.60 0.55
N GLN A 24 -13.90 -23.30 1.30
CA GLN A 24 -15.21 -23.65 0.74
C GLN A 24 -16.17 -22.49 0.68
N ARG A 25 -15.97 -21.46 1.52
CA ARG A 25 -16.67 -20.17 1.33
C ARG A 25 -16.29 -19.43 0.06
N LEU A 26 -15.00 -19.43 -0.25
CA LEU A 26 -14.45 -18.64 -1.37
C LEU A 26 -14.77 -19.13 -2.79
N ILE A 27 -14.75 -20.42 -3.00
CA ILE A 27 -14.98 -20.97 -4.30
C ILE A 27 -16.20 -21.88 -4.20
N LYS A 28 -17.23 -21.55 -4.98
CA LYS A 28 -18.49 -22.31 -5.05
C LYS A 28 -18.27 -23.59 -5.87
N SER A 29 -18.83 -24.73 -5.43
CA SER A 29 -18.66 -26.02 -6.15
C SER A 29 -18.89 -25.98 -7.63
N GLU A 30 -19.94 -25.32 -8.01
CA GLU A 30 -20.25 -25.04 -9.44
C GLU A 30 -19.20 -24.24 -10.22
N ASN A 31 -18.28 -23.58 -9.52
CA ASN A 31 -17.22 -22.83 -10.22
C ASN A 31 -15.85 -23.52 -10.23
N VAL A 32 -15.75 -24.72 -9.63
CA VAL A 32 -14.48 -25.39 -9.48
C VAL A 32 -13.83 -25.72 -10.81
N LYS A 33 -14.62 -26.12 -11.80
CA LYS A 33 -14.07 -26.48 -13.10
C LYS A 33 -13.51 -25.27 -13.81
N GLN A 34 -14.32 -24.23 -13.90
CA GLN A 34 -13.95 -22.88 -14.39
C GLN A 34 -12.72 -22.26 -13.71
N VAL A 35 -12.64 -22.35 -12.39
CA VAL A 35 -11.49 -21.86 -11.64
C VAL A 35 -10.19 -22.63 -12.06
N THR A 36 -10.26 -23.97 -12.01
CA THR A 36 -9.21 -24.80 -12.55
C THR A 36 -8.80 -24.43 -13.98
N ALA A 37 -9.73 -24.25 -14.92
CA ALA A 37 -9.32 -23.84 -16.24
C ALA A 37 -8.60 -22.50 -16.22
N SER A 38 -9.10 -21.61 -15.35
CA SER A 38 -8.58 -20.23 -15.28
C SER A 38 -7.12 -20.22 -14.75
N TRP A 39 -6.83 -21.10 -13.80
CA TRP A 39 -5.50 -21.30 -13.24
C TRP A 39 -4.50 -21.77 -14.27
N LYS A 40 -4.95 -22.68 -15.15
CA LYS A 40 -4.11 -23.08 -16.26
C LYS A 40 -3.84 -21.96 -17.30
N ARG A 41 -4.85 -21.24 -17.70
CA ARG A 41 -4.69 -20.01 -18.55
C ARG A 41 -3.70 -18.99 -17.87
N LEU A 42 -3.85 -18.83 -16.57
CA LEU A 42 -3.05 -17.89 -15.81
C LEU A 42 -1.53 -18.20 -15.90
N LEU A 43 -1.18 -19.45 -15.64
CA LEU A 43 0.18 -19.87 -15.71
C LEU A 43 0.80 -19.71 -17.06
N VAL A 44 0.01 -19.91 -18.12
CA VAL A 44 0.51 -19.75 -19.45
C VAL A 44 0.85 -18.26 -19.65
N GLU A 45 -0.07 -17.37 -19.25
CA GLU A 45 0.12 -15.90 -19.36
C GLU A 45 1.29 -15.42 -18.49
N ILE A 46 1.38 -15.96 -17.29
CA ILE A 46 2.48 -15.61 -16.39
C ILE A 46 3.83 -15.92 -17.09
N ASN A 47 3.96 -17.10 -17.70
CA ASN A 47 5.26 -17.46 -18.26
C ASN A 47 5.64 -16.55 -19.43
N LYS A 48 4.67 -16.18 -20.24
CA LYS A 48 4.91 -15.23 -21.29
C LYS A 48 5.26 -13.83 -20.77
N GLU A 49 4.46 -13.30 -19.83
CA GLU A 49 4.56 -11.87 -19.50
C GLU A 49 5.75 -11.71 -18.56
N PHE A 50 5.99 -12.66 -17.65
CA PHE A 50 7.06 -12.47 -16.63
C PHE A 50 8.42 -12.71 -17.28
N THR A 51 8.45 -13.56 -18.32
CA THR A 51 9.61 -13.66 -19.16
C THR A 51 9.93 -12.32 -19.79
N GLU A 52 8.94 -11.65 -20.41
CA GLU A 52 9.18 -10.36 -21.04
C GLU A 52 9.73 -9.36 -20.00
N ILE A 53 9.17 -9.38 -18.79
CA ILE A 53 9.60 -8.44 -17.78
C ILE A 53 11.07 -8.65 -17.48
N ALA A 54 11.40 -9.90 -17.19
CA ALA A 54 12.78 -10.30 -16.86
C ALA A 54 13.78 -9.87 -17.97
N LYS A 55 13.38 -9.98 -19.20
CA LYS A 55 14.25 -9.65 -20.31
C LYS A 55 14.32 -8.15 -20.61
N ILE A 56 13.41 -7.36 -20.09
CA ILE A 56 13.40 -5.91 -20.33
C ILE A 56 14.15 -5.25 -19.19
N GLY A 57 13.82 -5.66 -17.95
CA GLY A 57 14.45 -5.10 -16.77
C GLY A 57 13.74 -3.83 -16.27
N PRO A 58 14.47 -2.97 -15.49
CA PRO A 58 13.88 -1.84 -14.82
C PRO A 58 13.11 -0.83 -15.67
N SER A 59 13.43 -0.66 -16.97
CA SER A 59 12.70 0.28 -17.78
C SER A 59 11.22 -0.16 -17.98
N TYR A 60 10.89 -1.42 -17.63
CA TYR A 60 9.51 -1.90 -17.64
C TYR A 60 8.62 -1.07 -16.68
N VAL A 61 9.17 -0.49 -15.62
CA VAL A 61 8.35 0.22 -14.69
C VAL A 61 7.91 1.52 -15.30
N PRO A 62 6.61 1.79 -15.28
CA PRO A 62 6.14 3.08 -15.80
C PRO A 62 6.83 4.30 -15.13
N LYS A 63 7.20 5.24 -15.95
CA LYS A 63 7.86 6.41 -15.49
C LYS A 63 7.39 7.60 -16.30
N CYS A 64 7.24 8.74 -15.66
CA CYS A 64 6.91 9.94 -16.35
C CYS A 64 7.40 11.14 -15.61
N ASP A 65 7.37 12.30 -16.27
CA ASP A 65 7.79 13.55 -15.66
C ASP A 65 6.63 14.31 -15.04
N PHE A 66 6.91 14.99 -13.94
CA PHE A 66 5.89 15.72 -13.26
C PHE A 66 5.18 16.65 -14.25
N ILE A 67 5.92 17.24 -15.16
CA ILE A 67 5.32 18.17 -16.12
C ILE A 67 4.32 17.56 -17.10
N ASP A 68 4.44 16.27 -17.35
CA ASP A 68 3.47 15.51 -18.16
C ASP A 68 2.04 15.46 -17.48
N ILE A 69 1.94 15.73 -16.20
CA ILE A 69 0.66 15.66 -15.50
C ILE A 69 -0.06 16.98 -15.70
N LYS A 70 -1.11 16.98 -16.50
CA LYS A 70 -1.84 18.23 -16.81
C LYS A 70 -3.20 18.07 -16.22
N ASP A 71 -3.74 19.12 -15.59
CA ASP A 71 -5.09 19.10 -15.00
C ASP A 71 -5.26 17.98 -13.95
N ASN A 72 -4.23 17.78 -13.11
CA ASN A 72 -4.16 16.73 -12.13
C ASN A 72 -4.63 15.35 -12.61
N LYS A 73 -4.19 14.95 -13.81
CA LYS A 73 -4.49 13.65 -14.40
C LYS A 73 -3.25 13.07 -14.94
N LEU A 74 -3.09 11.75 -14.79
CA LEU A 74 -2.04 11.09 -15.52
C LEU A 74 -2.48 11.13 -16.98
N PRO A 75 -1.57 11.45 -17.88
CA PRO A 75 -1.85 11.15 -19.33
C PRO A 75 -2.29 9.73 -19.61
N GLN A 76 -3.10 9.56 -20.66
CA GLN A 76 -3.67 8.30 -21.04
C GLN A 76 -2.65 7.17 -21.12
N GLN A 77 -1.56 7.35 -21.84
CA GLN A 77 -0.60 6.24 -21.96
C GLN A 77 0.01 5.83 -20.59
N VAL A 78 0.23 6.82 -19.77
CA VAL A 78 0.82 6.53 -18.42
C VAL A 78 -0.22 5.76 -17.54
N SER A 79 -1.46 6.24 -17.58
CA SER A 79 -2.56 5.62 -16.88
C SER A 79 -2.72 4.18 -17.24
N GLU A 80 -2.75 3.89 -18.55
CA GLU A 80 -2.89 2.54 -18.99
C GLU A 80 -1.77 1.64 -18.52
N LEU A 81 -0.57 2.13 -18.62
CA LEU A 81 0.59 1.34 -18.13
C LEU A 81 0.54 1.16 -16.57
N PHE A 82 0.17 2.20 -15.87
CA PHE A 82 0.09 2.18 -14.39
C PHE A 82 -0.98 1.17 -13.95
N LYS A 83 -2.18 1.16 -14.57
CA LYS A 83 -3.15 0.18 -14.17
C LYS A 83 -2.72 -1.27 -14.43
N GLN A 84 -1.96 -1.53 -15.50
CA GLN A 84 -1.43 -2.85 -15.79
C GLN A 84 -0.30 -3.26 -14.84
N ARG A 85 0.59 -2.33 -14.61
CA ARG A 85 1.86 -2.67 -13.98
C ARG A 85 1.90 -2.39 -12.49
N GLY A 86 0.99 -1.51 -12.05
CA GLY A 86 0.72 -1.27 -10.63
C GLY A 86 1.76 -0.44 -9.90
N CYS A 87 2.69 0.21 -10.62
CA CYS A 87 3.74 1.05 -10.00
C CYS A 87 4.00 2.18 -11.01
N LEU A 88 4.56 3.23 -10.51
CA LEU A 88 4.88 4.45 -11.27
C LEU A 88 5.98 5.22 -10.57
N MET A 89 6.95 5.72 -11.34
CA MET A 89 7.92 6.66 -10.89
C MET A 89 7.67 7.99 -11.61
N ILE A 90 7.43 9.03 -10.86
CA ILE A 90 7.22 10.40 -11.39
C ILE A 90 8.43 11.20 -11.11
N GLU A 91 9.10 11.63 -12.14
CA GLU A 91 10.36 12.37 -11.98
C GLU A 91 10.19 13.88 -11.78
N ASN A 92 11.06 14.52 -10.98
CA ASN A 92 11.15 15.94 -10.92
C ASN A 92 9.92 16.59 -10.26
N VAL A 93 9.37 15.91 -9.27
CA VAL A 93 8.28 16.46 -8.48
C VAL A 93 8.79 17.60 -7.59
N ILE A 94 9.97 17.44 -7.04
CA ILE A 94 10.57 18.44 -6.14
C ILE A 94 11.97 18.77 -6.63
N ASP A 95 12.29 20.07 -6.64
CA ASP A 95 13.67 20.53 -6.94
C ASP A 95 14.72 19.88 -6.06
N VAL A 96 15.89 19.64 -6.62
CA VAL A 96 16.98 19.04 -5.89
C VAL A 96 17.42 19.90 -4.74
N ASP A 97 17.46 21.21 -4.91
CA ASP A 97 17.90 22.01 -3.79
C ASP A 97 17.00 21.90 -2.56
N ARG A 98 15.71 21.85 -2.81
CA ARG A 98 14.76 21.65 -1.74
C ARG A 98 14.85 20.30 -1.04
N ILE A 99 15.07 19.29 -1.83
CA ILE A 99 15.34 17.95 -1.32
C ILE A 99 16.54 17.91 -0.40
N ASP A 100 17.62 18.58 -0.81
CA ASP A 100 18.84 18.62 -0.01
C ASP A 100 18.62 19.29 1.35
N ILE A 101 17.87 20.39 1.36
CA ILE A 101 17.57 21.09 2.58
C ILE A 101 16.76 20.16 3.49
N TRP A 102 15.70 19.54 2.97
CA TRP A 102 14.91 18.61 3.77
C TRP A 102 15.72 17.44 4.35
N PHE A 103 16.59 16.85 3.53
CA PHE A 103 17.42 15.71 3.96
C PHE A 103 18.32 16.19 5.10
N ASN A 104 18.97 17.34 4.88
CA ASN A 104 19.87 17.82 5.94
C ASN A 104 19.16 18.17 7.25
N GLU A 105 17.97 18.78 7.17
CA GLU A 105 17.14 19.02 8.35
C GLU A 105 16.68 17.75 9.03
N LEU A 106 16.33 16.71 8.26
CA LEU A 106 16.01 15.40 8.90
C LEU A 106 17.18 14.79 9.68
N VAL A 107 18.35 14.86 9.07
CA VAL A 107 19.53 14.25 9.69
C VAL A 107 19.83 15.03 10.96
N GLU A 108 19.83 16.37 10.85
CA GLU A 108 19.99 17.20 12.09
C GLU A 108 19.00 16.85 13.20
N PHE A 109 17.73 16.70 12.82
CA PHE A 109 16.74 16.34 13.79
C PHE A 109 17.13 15.02 14.38
N CYS A 110 17.45 14.03 13.58
CA CYS A 110 17.75 12.69 14.14
C CYS A 110 18.98 12.74 15.10
N LYS A 111 19.98 13.51 14.74
CA LYS A 111 21.19 13.64 15.58
C LYS A 111 20.97 14.39 16.92
N THR A 112 19.93 15.22 16.97
CA THR A 112 19.59 16.02 18.13
C THR A 112 18.41 15.44 18.91
N HIS A 113 17.88 14.29 18.47
CA HIS A 113 16.73 13.69 19.12
C HIS A 113 16.89 12.20 19.09
N PRO A 114 17.81 11.68 19.93
CA PRO A 114 17.99 10.24 20.05
C PRO A 114 16.82 9.62 20.82
N THR A 120 22.15 5.75 18.72
CA THR A 120 23.18 5.61 17.65
C THR A 120 22.83 6.08 16.21
N PHE A 121 23.74 6.85 15.62
CA PHE A 121 23.54 7.43 14.30
C PHE A 121 24.82 7.21 13.49
N PRO A 122 24.81 6.44 12.39
CA PRO A 122 23.58 5.78 11.82
C PRO A 122 23.11 4.59 12.63
N ASN A 123 21.81 4.35 12.65
CA ASN A 123 21.29 3.23 13.44
C ASN A 123 21.45 1.87 12.75
N PRO A 124 21.24 0.77 13.46
CA PRO A 124 21.47 -0.52 12.80
C PRO A 124 20.56 -0.82 11.61
N THR A 125 19.32 -0.35 11.66
CA THR A 125 18.29 -0.85 10.76
C THR A 125 17.99 0.05 9.54
N SER A 126 18.51 1.28 9.54
CA SER A 126 18.27 2.20 8.43
C SER A 126 16.90 2.86 8.49
N TRP A 127 16.20 2.68 9.61
CA TRP A 127 14.87 3.26 9.80
C TRP A 127 14.87 4.26 10.94
N TYR A 128 14.29 5.44 10.71
CA TYR A 128 14.28 6.49 11.77
C TYR A 128 12.81 6.84 12.10
N ASN A 129 12.43 6.70 13.38
CA ASN A 129 11.04 6.82 13.81
C ASN A 129 10.73 8.28 14.10
N VAL A 130 10.86 9.10 13.06
CA VAL A 130 10.49 10.47 13.08
C VAL A 130 9.24 10.54 12.16
N PHE A 131 8.19 11.14 12.68
CA PHE A 131 6.90 11.22 11.97
C PHE A 131 6.42 12.61 11.60
N TRP A 132 6.61 13.63 12.48
CA TRP A 132 5.99 14.94 12.36
C TRP A 132 6.95 16.12 12.16
N SER A 133 8.19 15.82 11.75
CA SER A 133 9.19 16.88 11.59
C SER A 133 8.77 17.89 10.56
N LYS A 134 9.36 19.10 10.61
CA LYS A 134 9.05 20.10 9.64
C LYS A 134 9.27 19.63 8.17
N PRO A 135 10.41 18.93 7.89
CA PRO A 135 10.55 18.54 6.48
C PRO A 135 9.45 17.58 6.02
N GLN A 136 9.04 16.67 6.90
CA GLN A 136 7.91 15.80 6.64
C GLN A 136 6.59 16.52 6.35
N THR A 137 6.27 17.48 7.20
CA THR A 137 5.05 18.26 7.05
C THR A 137 5.13 19.09 5.80
N GLU A 138 6.31 19.69 5.54
CA GLU A 138 6.43 20.43 4.32
C GLU A 138 6.37 19.59 3.05
N ALA A 139 6.96 18.40 3.10
CA ALA A 139 6.98 17.49 1.94
C ALA A 139 5.56 16.99 1.60
N ARG A 140 4.89 16.57 2.62
CA ARG A 140 3.56 16.03 2.48
C ARG A 140 2.62 17.04 1.85
N PHE A 141 2.78 18.28 2.17
CA PHE A 141 1.90 19.28 1.68
C PHE A 141 2.45 20.20 0.62
N HIS A 142 3.61 19.89 0.04
CA HIS A 142 4.10 20.64 -1.06
C HIS A 142 3.09 20.59 -2.21
N PRO A 143 2.85 21.71 -2.89
CA PRO A 143 1.82 21.74 -3.95
C PRO A 143 2.01 20.66 -5.02
N ASN A 144 3.26 20.37 -5.35
CA ASN A 144 3.59 19.35 -6.33
C ASN A 144 3.23 17.99 -5.75
N MET A 145 3.34 17.79 -4.45
CA MET A 145 2.99 16.51 -3.86
C MET A 145 1.47 16.39 -3.83
N LYS A 146 0.77 17.43 -3.37
CA LYS A 146 -0.68 17.35 -3.40
C LYS A 146 -1.18 16.99 -4.83
N ALA A 147 -0.57 17.59 -5.81
CA ALA A 147 -0.93 17.40 -7.21
C ALA A 147 -0.81 15.95 -7.63
N ILE A 148 0.29 15.31 -7.30
CA ILE A 148 0.45 13.91 -7.74
C ILE A 148 -0.50 12.99 -7.02
N PHE A 149 -0.80 13.25 -5.77
CA PHE A 149 -1.85 12.46 -5.10
C PHE A 149 -3.22 12.67 -5.74
N LYS A 150 -3.55 13.90 -6.14
CA LYS A 150 -4.80 14.16 -6.82
C LYS A 150 -4.84 13.33 -8.09
N ALA A 151 -3.75 13.29 -8.83
CA ALA A 151 -3.73 12.59 -10.13
C ALA A 151 -3.87 11.06 -9.91
N MET A 152 -3.17 10.54 -8.89
CA MET A 152 -3.32 9.10 -8.55
C MET A 152 -4.69 8.72 -8.14
N SER A 153 -5.37 9.60 -7.41
CA SER A 153 -6.71 9.30 -6.87
C SER A 153 -7.73 9.11 -8.01
N LYS A 154 -7.49 9.74 -9.14
CA LYS A 154 -8.33 9.55 -10.35
C LYS A 154 -8.18 8.23 -11.08
N GLU A 155 -7.18 7.44 -10.71
CA GLU A 155 -7.03 6.09 -11.24
C GLU A 155 -7.95 5.13 -10.50
N PHE A 156 -8.38 5.50 -9.30
CA PHE A 156 -9.31 4.63 -8.53
C PHE A 156 -10.76 5.15 -8.70
N TYR A 157 -11.73 4.31 -8.40
CA TYR A 157 -13.12 4.69 -8.51
C TYR A 157 -14.02 3.82 -7.71
N VAL A 158 -15.26 4.29 -7.54
CA VAL A 158 -16.30 3.41 -7.05
C VAL A 158 -17.50 3.56 -7.94
N GLU A 159 -18.25 2.49 -8.00
CA GLU A 159 -19.44 2.46 -8.80
C GLU A 159 -20.65 2.97 -8.02
N ASP A 160 -20.81 2.50 -6.82
CA ASP A 160 -21.91 2.92 -5.98
C ASP A 160 -21.56 4.20 -5.26
N LYS A 161 -21.60 5.28 -5.99
CA LYS A 161 -21.25 6.61 -5.49
C LYS A 161 -22.26 7.15 -4.48
N GLU A 162 -23.49 6.68 -4.56
CA GLU A 162 -24.49 7.19 -3.65
C GLU A 162 -24.24 6.76 -2.23
N ASN A 163 -23.75 5.53 -2.03
CA ASN A 163 -23.61 4.94 -0.71
C ASN A 163 -22.23 4.60 -0.21
N CYS A 164 -21.26 4.41 -1.12
CA CYS A 164 -19.97 3.91 -0.67
C CYS A 164 -19.26 5.00 0.13
N LEU A 165 -18.85 4.68 1.36
CA LEU A 165 -18.31 5.69 2.27
C LEU A 165 -16.82 6.01 2.04
N ILE A 166 -16.55 6.62 0.88
CA ILE A 166 -15.19 7.02 0.51
C ILE A 166 -15.24 8.32 -0.26
N ASP A 167 -14.22 9.14 -0.05
CA ASP A 167 -14.01 10.36 -0.77
C ASP A 167 -12.59 10.39 -1.32
N LEU A 168 -12.48 10.02 -2.59
CA LEU A 168 -11.18 9.89 -3.21
C LEU A 168 -10.56 11.25 -3.51
N ASP A 169 -11.35 12.29 -3.44
CA ASP A 169 -10.82 13.65 -3.54
C ASP A 169 -10.10 14.11 -2.30
N THR A 170 -10.08 13.37 -1.22
CA THR A 170 -9.43 13.83 -0.05
C THR A 170 -8.30 12.88 0.32
N GLN A 171 -7.10 13.48 0.50
CA GLN A 171 -5.94 12.76 1.02
C GLN A 171 -5.82 12.96 2.52
N LEU A 172 -5.72 11.90 3.26
CA LEU A 172 -5.38 11.95 4.71
C LEU A 172 -3.90 11.61 4.88
N VAL A 173 -3.34 12.09 5.97
CA VAL A 173 -2.03 11.71 6.38
C VAL A 173 -2.07 10.51 7.33
N TYR A 174 -1.41 9.46 6.87
CA TYR A 174 -0.97 8.37 7.74
C TYR A 174 0.50 8.67 8.05
N GLY A 175 0.81 8.88 9.34
CA GLY A 175 2.20 9.19 9.72
C GLY A 175 3.11 8.01 9.46
N ASP A 176 4.20 8.26 8.76
CA ASP A 176 5.18 7.23 8.51
C ASP A 176 6.56 7.81 8.65
N ARG A 177 7.52 6.90 8.57
CA ARG A 177 8.87 7.26 8.96
C ARG A 177 9.75 7.46 7.77
N ILE A 178 11.04 7.64 8.03
CA ILE A 178 12.02 7.81 7.01
C ILE A 178 13.03 6.64 7.03
N ARG A 179 13.65 6.41 5.88
CA ARG A 179 14.75 5.48 5.75
C ARG A 179 15.98 6.22 5.24
N ILE A 180 17.12 6.01 5.91
CA ILE A 180 18.37 6.52 5.40
C ILE A 180 19.32 5.33 5.46
N ARG A 181 19.50 4.64 4.32
CA ARG A 181 20.21 3.38 4.23
C ARG A 181 21.64 3.64 3.72
N GLU A 182 22.61 3.41 4.60
CA GLU A 182 24.02 3.53 4.21
C GLU A 182 24.45 2.34 3.31
N PRO A 183 25.47 2.57 2.44
CA PRO A 183 26.01 1.43 1.71
C PRO A 183 26.53 0.38 2.62
N GLY A 184 26.25 -0.85 2.29
CA GLY A 184 26.74 -1.96 3.08
C GLY A 184 25.68 -2.48 3.99
N LYS A 185 24.64 -1.69 4.22
CA LYS A 185 23.54 -2.18 5.04
C LYS A 185 22.79 -3.17 4.16
N ALA A 186 22.72 -4.41 4.66
CA ALA A 186 22.02 -5.49 4.02
C ALA A 186 20.60 -5.66 4.61
N ALA A 187 19.77 -6.41 3.90
CA ALA A 187 18.36 -6.52 4.20
C ALA A 187 17.97 -7.99 4.21
N LEU A 189 14.35 -8.69 4.44
CA LEU A 189 12.87 -8.58 4.33
C LEU A 189 12.45 -9.04 2.92
N PRO A 190 11.96 -10.29 2.77
CA PRO A 190 11.78 -10.84 1.42
C PRO A 190 10.51 -10.38 0.67
N LEU A 191 10.33 -10.84 -0.57
CA LEU A 191 9.14 -10.50 -1.38
C LEU A 191 7.83 -10.74 -0.63
N HIS A 192 6.97 -9.72 -0.64
CA HIS A 192 5.76 -9.82 0.11
C HIS A 192 4.68 -8.86 -0.43
N LEU A 193 3.51 -8.99 0.16
CA LEU A 193 2.45 -8.04 0.10
C LEU A 193 2.26 -7.48 1.56
N ASP A 194 1.91 -6.20 1.68
CA ASP A 194 1.57 -5.61 2.95
C ASP A 194 0.00 -5.63 2.94
N SER A 195 -0.64 -4.79 3.74
CA SER A 195 -2.09 -4.74 3.77
C SER A 195 -2.74 -6.09 4.12
N SER A 196 -2.07 -6.76 5.03
CA SER A 196 -2.46 -8.01 5.68
C SER A 196 -1.85 -9.31 5.23
N SER A 197 -1.74 -10.24 6.18
CA SER A 197 -1.27 -11.60 5.81
C SER A 197 -2.37 -12.48 5.27
N ILE A 198 -3.40 -12.75 6.07
CA ILE A 198 -4.46 -13.72 5.73
C ILE A 198 -5.83 -13.06 5.35
N GLU A 199 -6.05 -11.81 5.75
CA GLU A 199 -7.30 -11.08 5.52
C GLU A 199 -7.94 -11.11 4.13
N ARG A 200 -7.11 -11.08 3.08
CA ARG A 200 -7.62 -11.07 1.71
C ARG A 200 -8.54 -12.25 1.44
N TRP A 201 -8.23 -13.36 2.07
CA TRP A 201 -9.03 -14.56 2.07
C TRP A 201 -10.05 -14.64 3.18
N GLU A 202 -9.66 -14.33 4.39
CA GLU A 202 -10.49 -14.54 5.55
C GLU A 202 -11.60 -13.53 5.76
N ASP A 203 -11.33 -12.25 5.59
CA ASP A 203 -12.37 -11.26 5.78
C ASP A 203 -13.42 -11.33 4.68
N ILE A 204 -14.70 -11.13 5.06
CA ILE A 204 -15.75 -11.16 4.08
C ILE A 204 -15.65 -10.09 2.97
N MET A 205 -15.57 -8.82 3.37
CA MET A 205 -15.55 -7.73 2.41
C MET A 205 -14.21 -7.72 1.66
N TYR A 206 -13.12 -8.02 2.36
CA TYR A 206 -11.79 -8.08 1.70
C TYR A 206 -11.81 -9.12 0.62
N SER A 207 -12.29 -10.34 0.94
CA SER A 207 -12.36 -11.35 -0.09
C SER A 207 -13.28 -11.08 -1.24
N GLU A 208 -14.33 -10.30 -1.05
CA GLU A 208 -15.17 -9.92 -2.14
C GLU A 208 -14.48 -9.05 -3.17
N VAL A 209 -13.48 -8.29 -2.77
CA VAL A 209 -12.58 -7.56 -3.74
C VAL A 209 -12.11 -8.48 -4.87
N TYR A 210 -11.82 -9.75 -4.54
CA TYR A 210 -11.24 -10.74 -5.44
C TYR A 210 -12.28 -11.75 -6.00
N LYS A 211 -13.56 -11.43 -5.92
CA LYS A 211 -14.60 -12.31 -6.42
C LYS A 211 -14.38 -12.83 -7.85
N SER A 212 -13.98 -11.97 -8.77
CA SER A 212 -13.77 -12.33 -10.19
C SER A 212 -12.73 -13.44 -10.30
N ILE A 213 -11.72 -13.40 -9.44
CA ILE A 213 -10.71 -14.44 -9.44
C ILE A 213 -11.30 -15.78 -8.91
N PHE A 214 -12.03 -15.72 -7.83
CA PHE A 214 -12.61 -16.92 -7.25
C PHE A 214 -13.74 -17.52 -8.07
N GLU A 215 -14.21 -16.79 -9.06
CA GLU A 215 -15.23 -17.34 -9.98
C GLU A 215 -14.70 -17.88 -11.28
N GLY A 216 -13.39 -17.76 -11.51
CA GLY A 216 -12.75 -18.26 -12.69
C GLY A 216 -12.60 -17.27 -13.78
N ASP A 217 -12.66 -15.98 -13.45
CA ASP A 217 -12.64 -14.90 -14.42
C ASP A 217 -11.60 -13.82 -13.94
N TRP A 218 -10.41 -14.28 -13.51
CA TRP A 218 -9.30 -13.37 -13.20
C TRP A 218 -9.06 -12.33 -14.22
N GLU A 219 -9.32 -12.60 -15.51
CA GLU A 219 -9.02 -11.66 -16.54
C GLU A 219 -9.78 -10.40 -16.40
N ASN A 220 -10.94 -10.46 -15.75
CA ASN A 220 -11.73 -9.27 -15.55
C ASN A 220 -11.60 -8.62 -14.16
N TRP A 221 -10.65 -9.08 -13.35
CA TRP A 221 -10.38 -8.42 -12.04
C TRP A 221 -9.87 -6.98 -12.25
N ASP A 222 -10.50 -6.06 -11.56
CA ASP A 222 -10.24 -4.63 -11.66
C ASP A 222 -9.69 -4.26 -10.26
N ALA A 223 -8.39 -4.01 -10.25
CA ALA A 223 -7.68 -3.55 -9.00
C ALA A 223 -7.98 -2.15 -8.50
N PHE A 224 -8.73 -1.42 -9.28
CA PHE A 224 -8.96 -0.01 -9.04
C PHE A 224 -10.35 0.29 -8.59
N LYS A 225 -11.22 -0.72 -8.52
CA LYS A 225 -12.58 -0.53 -8.07
C LYS A 225 -12.66 -0.75 -6.55
N LEU A 226 -13.16 0.23 -5.82
CA LEU A 226 -13.07 0.26 -4.42
C LEU A 226 -14.35 0.03 -3.62
N ASP A 227 -15.43 -0.30 -4.29
CA ASP A 227 -16.71 -0.49 -3.61
C ASP A 227 -16.66 -1.42 -2.42
N GLU A 228 -16.05 -2.58 -2.58
CA GLU A 228 -15.99 -3.57 -1.52
C GLU A 228 -14.78 -3.27 -0.61
N ARG A 229 -13.64 -2.89 -1.20
CA ARG A 229 -12.44 -2.65 -0.38
C ARG A 229 -12.54 -1.59 0.70
N THR A 230 -13.41 -0.59 0.42
CA THR A 230 -13.83 0.47 1.37
C THR A 230 -14.24 -0.10 2.73
N TYR A 231 -14.79 -1.31 2.74
CA TYR A 231 -15.32 -1.91 3.93
C TYR A 231 -14.52 -3.14 4.40
N SER A 232 -13.34 -3.34 3.82
CA SER A 232 -12.52 -4.47 4.16
C SER A 232 -11.84 -4.18 5.52
N LYS A 233 -11.69 -5.25 6.29
CA LYS A 233 -10.99 -5.27 7.56
C LYS A 233 -9.66 -5.90 7.30
N GLU A 234 -8.61 -5.09 7.26
CA GLU A 234 -7.28 -5.54 7.04
C GLU A 234 -6.68 -6.27 8.24
N ASN A 235 -7.32 -6.14 9.42
CA ASN A 235 -6.81 -6.76 10.64
C ASN A 235 -7.99 -7.31 11.41
N LEU A 236 -8.15 -8.61 11.33
CA LEU A 236 -9.22 -9.28 12.08
C LEU A 236 -8.82 -9.68 13.51
N TYR A 237 -7.59 -9.40 13.91
CA TYR A 237 -7.01 -10.00 15.05
C TYR A 237 -6.81 -8.83 15.99
N THR A 248 4.20 -5.16 13.13
CA THR A 248 4.00 -5.49 11.70
C THR A 248 2.68 -5.02 11.02
N ILE A 249 1.74 -4.47 11.79
CA ILE A 249 0.38 -4.20 11.28
C ILE A 249 0.32 -2.74 10.94
N CYS A 250 -0.18 -2.36 9.77
CA CYS A 250 -0.42 -0.93 9.48
C CYS A 250 -1.91 -0.66 9.63
N SER A 251 -2.26 0.32 10.46
CA SER A 251 -3.63 0.55 10.87
C SER A 251 -4.46 1.32 9.85
N SER A 252 -3.88 1.87 8.81
CA SER A 252 -4.65 2.63 7.81
C SER A 252 -4.90 1.76 6.54
N PHE A 253 -5.95 2.11 5.82
CA PHE A 253 -6.29 1.58 4.49
C PHE A 253 -5.60 2.46 3.50
N ARG A 254 -4.51 1.94 2.87
CA ARG A 254 -3.77 2.76 1.90
C ARG A 254 -4.05 2.07 0.54
N THR A 255 -4.46 2.84 -0.45
CA THR A 255 -4.64 2.39 -1.81
C THR A 255 -3.28 2.21 -2.46
N LEU A 256 -2.36 3.12 -2.15
CA LEU A 256 -1.03 3.07 -2.71
C LEU A 256 -0.02 3.23 -1.66
N GLN A 257 1.10 2.54 -1.77
CA GLN A 257 2.27 2.86 -0.93
C GLN A 257 3.15 3.76 -1.79
N GLY A 258 3.96 4.52 -1.13
CA GLY A 258 4.82 5.48 -1.81
C GLY A 258 5.95 6.06 -1.04
N TRP A 259 6.83 6.73 -1.76
CA TRP A 259 7.83 7.57 -1.09
C TRP A 259 8.47 8.56 -2.01
N LEU A 260 8.99 9.58 -1.38
CA LEU A 260 9.75 10.67 -2.02
C LEU A 260 11.23 10.39 -1.91
N ALA A 261 11.93 10.42 -3.02
CA ALA A 261 13.39 10.22 -3.08
C ALA A 261 14.19 11.40 -2.53
N LEU A 262 15.01 11.16 -1.51
CA LEU A 262 15.88 12.17 -0.88
C LEU A 262 17.34 11.98 -1.34
N SER A 263 17.55 11.03 -2.24
CA SER A 263 18.90 10.69 -2.71
C SER A 263 18.85 10.19 -4.17
N ASN A 264 20.00 10.21 -4.83
CA ASN A 264 20.15 9.58 -6.13
C ASN A 264 20.72 8.20 -5.94
N ASN A 265 20.04 7.13 -6.41
CA ASN A 265 20.56 5.73 -6.31
C ASN A 265 20.18 4.95 -7.54
N LYS A 266 21.12 4.25 -8.12
CA LYS A 266 20.87 3.57 -9.44
C LYS A 266 20.14 2.25 -9.10
N SER A 267 19.51 1.61 -10.08
CA SER A 267 18.78 0.33 -9.85
C SER A 267 19.64 -0.62 -9.08
N GLY A 268 19.10 -1.28 -8.07
CA GLY A 268 19.89 -2.23 -7.28
C GLY A 268 20.66 -1.65 -6.10
N GLU A 269 20.79 -0.33 -6.02
CA GLU A 269 21.61 0.27 -4.95
C GLU A 269 20.75 0.58 -3.73
N GLY A 270 20.36 -0.45 -3.00
CA GLY A 270 19.61 -0.22 -1.80
C GLY A 270 18.28 0.47 -1.99
N THR A 271 17.60 0.13 -3.09
CA THR A 271 16.29 0.69 -3.41
C THR A 271 15.10 -0.25 -3.18
N LEU A 272 14.21 -0.32 -4.17
CA LEU A 272 13.01 -1.10 -4.16
C LEU A 272 13.01 -2.02 -5.40
N ARG A 273 12.46 -3.19 -5.21
CA ARG A 273 12.21 -4.16 -6.26
C ARG A 273 10.69 -4.45 -6.24
N VAL A 274 10.14 -4.61 -7.44
CA VAL A 274 8.74 -4.84 -7.58
C VAL A 274 8.47 -5.93 -8.63
N LEU A 275 7.28 -6.46 -8.63
CA LEU A 275 6.80 -7.34 -9.69
C LEU A 275 5.74 -6.53 -10.40
N PRO A 276 6.08 -5.91 -11.54
CA PRO A 276 5.22 -4.91 -12.11
C PRO A 276 4.11 -5.50 -12.99
N SER A 277 3.32 -6.41 -12.40
CA SER A 277 2.23 -6.97 -13.13
C SER A 277 1.10 -7.23 -12.09
N LEU A 278 0.13 -6.33 -12.03
CA LEU A 278 -0.76 -6.30 -10.87
C LEU A 278 -1.80 -7.43 -10.93
N LYS A 279 -2.52 -7.53 -12.05
CA LYS A 279 -3.54 -8.50 -12.23
C LYS A 279 -3.00 -9.91 -12.20
N LEU A 280 -1.96 -10.22 -12.95
CA LEU A 280 -1.43 -11.59 -12.92
C LEU A 280 -0.93 -11.96 -11.55
N SER A 281 -0.26 -11.03 -10.88
CA SER A 281 0.18 -11.24 -9.53
C SER A 281 -0.94 -11.70 -8.56
N MET A 282 -1.99 -10.93 -8.50
CA MET A 282 -3.05 -11.23 -7.58
C MET A 282 -3.91 -12.45 -7.98
N ALA A 283 -4.02 -12.72 -9.25
CA ALA A 283 -4.73 -13.94 -9.70
C ALA A 283 -3.93 -15.09 -9.13
N TYR A 284 -2.62 -15.06 -9.22
CA TYR A 284 -1.78 -16.17 -8.80
C TYR A 284 -1.78 -16.32 -7.29
N ILE A 285 -1.63 -15.21 -6.60
CA ILE A 285 -1.57 -15.19 -5.14
C ILE A 285 -2.88 -15.70 -4.58
N MET A 286 -3.99 -15.12 -5.02
CA MET A 286 -5.29 -15.49 -4.45
C MET A 286 -5.64 -16.93 -4.66
N LEU A 287 -5.30 -17.46 -5.82
CA LEU A 287 -5.54 -18.87 -6.10
C LEU A 287 -4.50 -19.84 -5.60
N ARG A 288 -3.33 -19.37 -5.23
CA ARG A 288 -2.27 -20.27 -4.76
C ARG A 288 -2.63 -21.27 -3.61
N PRO A 289 -3.44 -20.86 -2.60
CA PRO A 289 -3.86 -21.84 -1.58
C PRO A 289 -4.64 -22.99 -2.13
N PHE A 290 -5.28 -22.82 -3.28
CA PHE A 290 -6.02 -23.86 -3.94
C PHE A 290 -5.18 -24.69 -4.93
N PHE A 291 -4.04 -24.13 -5.36
CA PHE A 291 -3.18 -24.79 -6.37
C PHE A 291 -1.75 -24.74 -5.96
N TRP A 292 -1.48 -25.16 -4.72
CA TRP A 292 -0.20 -24.98 -4.08
C TRP A 292 0.69 -26.14 -4.44
N LYS A 293 0.13 -27.26 -4.90
CA LYS A 293 0.93 -28.46 -5.27
C LYS A 293 1.30 -28.46 -6.73
N ASP A 294 2.57 -28.22 -7.05
CA ASP A 294 3.00 -28.21 -8.45
C ASP A 294 3.22 -29.66 -8.88
N PRO A 295 2.74 -30.03 -10.06
CA PRO A 295 2.87 -31.44 -10.42
C PRO A 295 4.26 -31.84 -10.86
N GLU A 296 4.61 -33.08 -10.53
CA GLU A 296 5.89 -33.68 -10.98
C GLU A 296 6.09 -33.68 -12.49
N SER A 297 5.01 -33.81 -13.25
CA SER A 297 5.13 -33.80 -14.69
C SER A 297 5.68 -32.48 -15.26
N GLY A 298 5.45 -31.34 -14.58
CA GLY A 298 5.71 -30.01 -15.15
C GLY A 298 4.68 -29.63 -16.19
N ASN A 299 3.61 -30.40 -16.28
CA ASN A 299 2.56 -30.13 -17.22
C ASN A 299 1.45 -29.33 -16.51
N ILE A 300 1.21 -28.12 -16.99
CA ILE A 300 0.19 -27.23 -16.44
C ILE A 300 -1.18 -27.92 -16.44
N ASP A 301 -1.44 -28.76 -17.44
CA ASP A 301 -2.72 -29.44 -17.47
C ASP A 301 -2.93 -30.48 -16.35
N ASP A 302 -1.90 -30.79 -15.55
CA ASP A 302 -2.03 -31.70 -14.43
C ASP A 302 -2.29 -31.08 -13.05
N TYR A 303 -2.34 -29.74 -12.91
CA TYR A 303 -2.85 -29.13 -11.65
C TYR A 303 -4.28 -29.57 -11.35
N GLU A 304 -4.57 -29.77 -10.07
CA GLU A 304 -5.94 -30.03 -9.61
C GLU A 304 -6.17 -29.27 -8.33
N ILE A 305 -7.39 -28.79 -8.18
CA ILE A 305 -7.75 -27.93 -7.07
C ILE A 305 -7.69 -28.64 -5.76
N ASP A 306 -7.27 -27.94 -4.73
CA ASP A 306 -7.25 -28.42 -3.37
C ASP A 306 -8.24 -27.56 -2.57
N LEU A 307 -9.43 -28.12 -2.30
CA LEU A 307 -10.43 -27.43 -1.53
C LEU A 307 -10.50 -27.86 -0.10
N ILE A 308 -9.52 -28.66 0.34
CA ILE A 308 -9.61 -29.32 1.65
C ILE A 308 -8.55 -28.88 2.64
N THR A 309 -7.25 -28.95 2.32
CA THR A 309 -6.23 -28.68 3.39
C THR A 309 -6.31 -27.20 3.79
N PRO A 310 -6.11 -26.87 5.07
CA PRO A 310 -6.10 -25.48 5.50
C PRO A 310 -4.72 -24.82 5.22
N LYS A 311 -4.22 -24.94 4.01
CA LYS A 311 -2.90 -24.36 3.66
C LYS A 311 -3.16 -23.01 3.00
N PHE A 312 -2.60 -21.98 3.60
CA PHE A 312 -2.56 -20.61 3.07
C PHE A 312 -1.10 -20.19 3.08
N PRO A 313 -0.37 -20.61 2.05
CA PRO A 313 1.07 -20.46 2.10
C PRO A 313 1.56 -19.01 2.23
N GLY A 314 2.59 -18.81 3.03
CA GLY A 314 3.17 -17.48 3.28
C GLY A 314 2.42 -16.63 4.29
N THR A 315 1.39 -17.18 4.94
CA THR A 315 0.56 -16.40 5.88
C THR A 315 0.89 -16.71 7.30
N VAL A 316 0.77 -15.70 8.14
CA VAL A 316 0.80 -15.84 9.60
C VAL A 316 -0.38 -15.03 10.09
N PRO A 317 -1.55 -15.70 10.35
CA PRO A 317 -2.69 -14.93 10.75
C PRO A 317 -2.38 -14.03 11.93
N GLY A 318 -2.82 -12.74 11.84
CA GLY A 318 -2.57 -11.76 12.86
C GLY A 318 -1.42 -10.83 12.56
N THR A 319 -0.72 -11.04 11.44
CA THR A 319 0.40 -10.20 11.04
C THR A 319 0.05 -9.44 9.75
N GLY A 320 0.90 -8.48 9.38
CA GLY A 320 0.51 -7.54 8.31
C GLY A 320 1.01 -7.87 6.94
N GLN A 321 1.85 -8.89 6.83
CA GLN A 321 2.55 -9.20 5.59
C GLN A 321 2.26 -10.58 5.13
N LEU A 322 2.08 -10.73 3.83
CA LEU A 322 1.99 -12.02 3.21
C LEU A 322 3.30 -12.27 2.52
N PHE A 323 4.00 -13.32 2.94
CA PHE A 323 5.30 -13.63 2.39
C PHE A 323 5.26 -14.49 1.14
N LEU A 324 6.04 -14.09 0.15
CA LEU A 324 5.97 -14.69 -1.20
C LEU A 324 7.27 -15.35 -1.57
N ASP A 325 8.14 -15.48 -0.61
CA ASP A 325 9.52 -15.93 -0.92
C ASP A 325 9.73 -17.43 -0.97
N LYS A 326 8.77 -18.19 -0.50
CA LYS A 326 8.89 -19.65 -0.36
C LYS A 326 7.96 -20.46 -1.29
N PHE A 327 6.67 -20.17 -1.27
CA PHE A 327 5.69 -21.03 -1.97
C PHE A 327 5.02 -20.38 -3.17
N TYR A 328 5.64 -19.34 -3.70
CA TYR A 328 5.07 -18.59 -4.84
C TYR A 328 6.12 -18.52 -5.98
N PRO A 329 6.63 -19.70 -6.40
CA PRO A 329 7.83 -19.64 -7.29
C PRO A 329 7.64 -19.05 -8.70
N HIS A 330 6.43 -19.07 -9.24
CA HIS A 330 6.18 -18.52 -10.53
C HIS A 330 6.28 -17.00 -10.52
N LEU A 331 6.22 -16.39 -9.36
CA LEU A 331 6.38 -14.94 -9.27
C LEU A 331 7.82 -14.47 -9.47
N HIS A 332 8.80 -15.32 -9.15
CA HIS A 332 10.13 -14.84 -9.01
C HIS A 332 10.74 -14.30 -10.30
N GLN A 333 10.34 -14.83 -11.44
CA GLN A 333 10.89 -14.45 -12.71
C GLN A 333 10.58 -12.98 -13.04
N GLY A 334 9.49 -12.51 -12.47
CA GLY A 334 9.00 -11.19 -12.72
C GLY A 334 9.55 -10.04 -11.92
N ILE A 335 10.39 -10.31 -10.92
CA ILE A 335 10.88 -9.32 -10.03
C ILE A 335 12.05 -8.55 -10.65
N ILE A 336 11.89 -7.24 -10.64
CA ILE A 336 12.89 -6.31 -11.12
C ILE A 336 13.13 -5.18 -10.16
N SER A 337 14.33 -4.62 -10.26
CA SER A 337 14.57 -3.33 -9.57
C SER A 337 13.79 -2.26 -10.23
N ILE A 338 13.48 -1.22 -9.45
CA ILE A 338 12.98 0.02 -10.11
C ILE A 338 14.09 0.71 -10.91
N PRO A 339 13.72 1.61 -11.84
CA PRO A 339 14.70 2.46 -12.56
C PRO A 339 15.52 3.29 -11.62
N ASP A 340 16.64 3.78 -12.14
CA ASP A 340 17.51 4.72 -11.39
C ASP A 340 16.63 5.79 -10.72
N VAL A 341 16.87 6.02 -9.46
CA VAL A 341 16.10 7.01 -8.68
C VAL A 341 16.92 8.29 -8.59
N LYS A 342 16.27 9.41 -8.90
CA LYS A 342 16.81 10.74 -8.73
C LYS A 342 16.09 11.49 -7.55
N LYS A 343 16.84 12.30 -6.83
CA LYS A 343 16.26 13.24 -5.80
C LYS A 343 15.02 13.96 -6.31
N GLY A 344 13.96 13.92 -5.53
CA GLY A 344 12.75 14.61 -5.93
C GLY A 344 11.81 13.89 -6.85
N SER A 345 12.09 12.62 -7.15
CA SER A 345 11.13 11.72 -7.75
C SER A 345 10.27 11.11 -6.66
N PHE A 346 9.08 10.72 -7.06
CA PHE A 346 8.11 10.05 -6.19
C PHE A 346 7.83 8.70 -6.80
N VAL A 347 7.82 7.64 -5.96
CA VAL A 347 7.54 6.31 -6.42
C VAL A 347 6.26 5.82 -5.71
N PHE A 348 5.33 5.33 -6.50
CA PHE A 348 4.05 4.73 -6.02
C PHE A 348 3.98 3.25 -6.40
N TRP A 349 3.43 2.43 -5.51
CA TRP A 349 3.01 1.15 -5.92
C TRP A 349 1.66 0.78 -5.26
N HIS A 350 0.88 0.05 -6.03
CA HIS A 350 -0.44 -0.48 -5.58
C HIS A 350 -0.31 -1.36 -4.34
N CYS A 351 -1.26 -1.22 -3.43
CA CYS A 351 -1.26 -1.99 -2.21
C CYS A 351 -1.18 -3.50 -2.41
N ASP A 352 -1.54 -3.98 -3.57
CA ASP A 352 -1.46 -5.41 -3.92
C ASP A 352 -0.24 -5.77 -4.74
N LEU A 353 0.76 -4.88 -4.86
CA LEU A 353 1.90 -5.22 -5.69
C LEU A 353 3.02 -5.91 -4.86
N PRO A 354 3.43 -7.10 -5.30
CA PRO A 354 4.58 -7.71 -4.60
C PRO A 354 5.81 -6.82 -4.73
N HIS A 355 6.56 -6.69 -3.61
CA HIS A 355 7.71 -5.86 -3.62
C HIS A 355 8.65 -6.34 -2.53
N GLU A 356 9.88 -5.90 -2.64
CA GLU A 356 10.91 -6.11 -1.54
C GLU A 356 11.97 -5.04 -1.72
N VAL A 357 12.80 -4.86 -0.71
CA VAL A 357 13.97 -3.94 -0.83
C VAL A 357 15.18 -4.72 -1.28
N ASP A 358 16.12 -4.04 -1.89
CA ASP A 358 17.35 -4.68 -2.32
C ASP A 358 18.08 -5.29 -1.11
N ARG A 359 18.57 -6.52 -1.30
CA ARG A 359 19.37 -7.26 -0.29
C ARG A 359 20.66 -6.46 0.06
N GLU A 360 21.30 -5.96 -0.94
CA GLU A 360 22.54 -5.25 -0.72
C GLU A 360 22.50 -3.82 -1.20
N HIS A 361 23.42 -2.99 -0.69
CA HIS A 361 23.55 -1.61 -1.12
C HIS A 361 25.02 -1.30 -1.32
N ASN A 362 25.43 -1.52 -2.54
CA ASN A 362 26.79 -1.28 -2.94
C ASN A 362 26.87 -0.12 -3.90
N GLY A 363 25.97 0.81 -3.69
CA GLY A 363 26.08 2.12 -4.29
C GLY A 363 27.02 3.08 -3.62
N ASN A 364 27.07 4.32 -4.15
CA ASN A 364 28.07 5.33 -3.76
C ASN A 364 27.64 6.29 -2.63
N GLY A 365 26.43 6.18 -2.10
CA GLY A 365 25.99 7.06 -1.03
C GLY A 365 24.72 6.52 -0.46
N HIS A 366 24.20 7.26 0.51
CA HIS A 366 22.98 6.88 1.20
C HIS A 366 21.80 6.77 0.19
N SER A 367 20.95 5.79 0.46
CA SER A 367 19.70 5.57 -0.21
C SER A 367 18.60 5.94 0.86
N SER A 368 17.99 7.09 0.66
CA SER A 368 17.09 7.69 1.64
C SER A 368 15.78 8.12 0.98
N VAL A 369 14.72 7.80 1.71
CA VAL A 369 13.39 8.12 1.27
C VAL A 369 12.52 8.57 2.42
N LEU A 370 11.46 9.27 2.04
CA LEU A 370 10.44 9.70 3.02
C LEU A 370 9.14 9.03 2.59
N TYR A 371 8.68 8.12 3.42
CA TYR A 371 7.49 7.33 3.15
C TYR A 371 6.24 8.18 3.26
N TYR A 372 5.36 8.04 2.27
CA TYR A 372 4.05 8.75 2.25
C TYR A 372 3.15 8.04 1.27
N GLY A 373 2.03 7.42 1.76
CA GLY A 373 1.14 6.63 1.03
C GLY A 373 -0.10 7.38 0.76
N GLN A 374 -0.91 6.84 -0.16
CA GLN A 374 -2.22 7.35 -0.38
C GLN A 374 -3.25 6.75 0.55
N THR A 375 -3.91 7.58 1.33
CA THR A 375 -4.82 7.15 2.35
C THR A 375 -6.10 8.00 2.13
N PRO A 376 -7.09 7.47 1.42
CA PRO A 376 -8.30 8.27 1.18
C PRO A 376 -9.16 8.41 2.42
N LEU A 377 -9.88 9.52 2.45
CA LEU A 377 -10.90 9.72 3.42
C LEU A 377 -11.95 8.62 3.22
N SER A 378 -12.04 7.75 4.15
CA SER A 378 -12.92 6.54 4.01
C SER A 378 -13.26 5.99 5.31
N ILE A 379 -14.28 5.18 5.33
CA ILE A 379 -14.82 4.69 6.66
C ILE A 379 -13.79 3.96 7.54
N THR A 380 -12.89 3.19 6.94
CA THR A 380 -11.89 2.43 7.75
C THR A 380 -10.67 3.32 8.08
N ASN A 381 -10.65 4.58 7.59
CA ASN A 381 -9.61 5.56 7.84
C ASN A 381 -10.02 6.63 8.86
N ILE A 382 -11.22 6.56 9.38
CA ILE A 382 -11.60 7.58 10.39
C ILE A 382 -10.75 7.40 11.66
N GLN A 383 -10.41 6.17 12.00
CA GLN A 383 -9.52 6.01 13.19
C GLN A 383 -8.13 6.58 12.95
N THR A 384 -7.67 6.47 11.73
CA THR A 384 -6.42 7.04 11.34
C THR A 384 -6.46 8.56 11.43
N LEU A 385 -7.55 9.17 10.98
CA LEU A 385 -7.70 10.60 10.97
C LEU A 385 -7.54 11.05 12.50
N LEU A 386 -8.17 10.32 13.38
CA LEU A 386 -8.18 10.66 14.83
C LEU A 386 -6.83 10.46 15.44
N ASP A 387 -6.12 9.40 15.04
CA ASP A 387 -4.79 9.16 15.54
C ASP A 387 -3.79 10.20 15.09
N THR A 388 -3.87 10.58 13.84
CA THR A 388 -3.01 11.63 13.30
C THR A 388 -3.21 12.95 14.01
N ARG A 389 -4.46 13.32 14.26
CA ARG A 389 -4.77 14.56 14.97
C ARG A 389 -4.23 14.53 16.40
N ASP A 390 -4.44 13.41 17.07
CA ASP A 390 -3.98 13.21 18.45
C ASP A 390 -2.47 13.14 18.56
N ALA A 391 -1.83 12.41 17.65
CA ALA A 391 -0.35 12.30 17.71
C ALA A 391 0.37 13.58 17.40
N PHE A 392 -0.10 14.31 16.40
CA PHE A 392 0.52 15.55 16.02
C PHE A 392 0.35 16.61 17.12
N LEU A 393 -0.86 16.67 17.67
CA LEU A 393 -1.18 17.69 18.70
C LEU A 393 -0.34 17.39 19.96
N LYS A 394 -0.13 16.13 20.27
CA LYS A 394 0.67 15.71 21.42
C LYS A 394 2.18 15.53 21.13
N ASN A 395 2.59 15.67 19.86
CA ASN A 395 3.99 15.48 19.47
C ASN A 395 4.59 14.14 19.86
N ILE A 396 3.85 13.08 19.58
CA ILE A 396 4.21 11.66 19.86
C ILE A 396 4.05 10.82 18.55
N SER A 397 4.36 9.55 18.64
CA SER A 397 4.35 8.63 17.51
C SER A 397 2.90 8.33 17.21
N PRO A 398 2.57 8.02 15.92
CA PRO A 398 1.24 7.48 15.65
C PRO A 398 1.16 6.10 16.23
N ALA A 399 -0.06 5.63 16.39
CA ALA A 399 -0.36 4.44 17.15
C ALA A 399 0.37 3.21 16.79
N ASP A 400 0.62 3.00 15.50
CA ASP A 400 1.31 1.77 15.07
C ASP A 400 2.74 1.73 15.60
N TYR A 401 3.34 2.87 15.89
CA TYR A 401 4.69 2.89 16.45
C TYR A 401 4.65 3.14 17.96
N ARG A 402 3.80 4.05 18.38
CA ARG A 402 3.65 4.42 19.78
C ARG A 402 3.40 3.16 20.62
N SER A 403 2.62 2.22 20.09
CA SER A 403 2.26 1.00 20.82
C SER A 403 3.43 0.04 21.05
N GLN A 404 4.56 0.27 20.40
CA GLN A 404 5.76 -0.51 20.65
C GLN A 404 6.77 0.10 21.65
N LEU A 405 6.43 1.24 22.26
CA LEU A 405 7.38 1.96 23.11
C LEU A 405 7.04 1.62 24.54
N ASN A 406 8.06 1.59 25.40
CA ASN A 406 7.84 1.44 26.86
C ASN A 406 7.49 2.77 27.47
N GLU A 407 7.11 2.75 28.75
CA GLU A 407 6.74 3.97 29.46
C GLU A 407 7.83 5.04 29.37
N GLU A 408 9.11 4.65 29.49
CA GLU A 408 10.21 5.66 29.47
C GLU A 408 10.34 6.30 28.08
N GLU A 409 10.34 5.46 27.05
CA GLU A 409 10.41 5.93 25.65
C GLU A 409 9.21 6.86 25.32
N LYS A 410 8.03 6.41 25.72
CA LYS A 410 6.81 7.23 25.58
C LYS A 410 6.96 8.61 26.16
N GLN A 411 7.50 8.70 27.38
CA GLN A 411 7.67 10.02 28.02
C GLN A 411 8.82 10.81 27.43
N LYS A 412 9.83 10.13 26.89
CA LYS A 412 10.93 10.84 26.24
C LYS A 412 10.66 11.35 24.80
N GLU A 413 9.81 10.72 24.01
CA GLU A 413 9.89 11.03 22.55
C GLU A 413 9.37 12.42 22.23
N PHE A 414 9.90 13.00 21.15
CA PHE A 414 9.56 14.29 20.68
C PHE A 414 9.53 14.21 19.12
N GLN A 415 8.49 14.65 18.45
CA GLN A 415 8.37 14.38 16.99
C GLN A 415 8.49 15.54 16.07
N GLY A 416 8.80 16.74 16.57
CA GLY A 416 8.99 17.89 15.73
C GLY A 416 7.76 18.57 15.21
N ALA A 417 6.59 18.25 15.76
CA ALA A 417 5.31 18.78 15.29
C ALA A 417 5.22 20.22 15.53
N ASN A 418 4.91 20.97 14.51
CA ASN A 418 4.62 22.38 14.67
C ASN A 418 3.49 22.76 13.80
N ILE A 419 2.39 23.18 14.43
CA ILE A 419 1.26 23.70 13.70
C ILE A 419 1.69 24.70 12.61
N ASP A 420 2.67 25.56 12.88
CA ASP A 420 3.04 26.54 11.89
C ASP A 420 3.64 25.93 10.60
N ASP A 421 4.16 24.69 10.66
CA ASP A 421 4.68 23.99 9.45
C ASP A 421 3.56 23.73 8.44
N LEU A 422 2.31 23.81 8.87
CA LEU A 422 1.19 23.65 8.00
C LEU A 422 0.87 24.94 7.31
N LYS A 423 1.54 26.06 7.65
CA LYS A 423 1.50 27.25 6.91
C LYS A 423 0.08 27.87 6.84
N ASN A 424 -0.66 27.62 7.92
CA ASN A 424 -2.10 27.94 8.00
C ASN A 424 -2.88 27.60 6.70
N ASP A 425 -2.53 26.50 6.03
CA ASP A 425 -3.29 26.06 4.84
C ASP A 425 -4.44 25.16 5.31
N ILE A 426 -5.67 25.56 5.02
CA ILE A 426 -6.83 24.86 5.56
C ILE A 426 -6.96 23.43 5.01
N ASP A 427 -6.70 23.28 3.71
CA ASP A 427 -6.71 21.96 3.10
C ASP A 427 -5.70 21.04 3.82
N SER A 428 -4.49 21.51 4.07
CA SER A 428 -3.51 20.67 4.78
C SER A 428 -3.95 20.30 6.17
N LYS A 429 -4.53 21.26 6.90
CA LYS A 429 -4.98 20.97 8.22
C LYS A 429 -6.11 19.91 8.21
N ARG A 430 -6.92 19.91 7.17
CA ARG A 430 -8.01 18.90 7.06
C ARG A 430 -7.39 17.54 6.87
N SER A 431 -6.32 17.46 6.08
CA SER A 431 -5.58 16.20 5.95
C SER A 431 -4.99 15.55 7.24
N MET A 432 -4.75 16.40 8.26
CA MET A 432 -4.16 16.09 9.50
C MET A 432 -5.18 15.93 10.57
N GLY A 433 -6.45 16.09 10.26
CA GLY A 433 -7.50 15.90 11.25
C GLY A 433 -7.67 17.13 12.14
N LEU A 434 -7.22 18.30 11.69
CA LEU A 434 -7.15 19.49 12.57
C LEU A 434 -8.26 20.48 12.21
N GLU A 435 -9.07 20.19 11.18
CA GLU A 435 -10.07 21.11 10.72
C GLU A 435 -11.18 20.29 10.10
N GLU A 436 -12.44 20.71 10.31
CA GLU A 436 -13.55 19.98 9.76
C GLU A 436 -13.53 20.11 8.24
N PHE A 437 -14.09 19.11 7.60
CA PHE A 437 -14.25 19.06 6.12
C PHE A 437 -15.39 19.91 5.65
N GLU A 438 -15.16 20.66 4.59
CA GLU A 438 -16.18 21.41 3.93
C GLU A 438 -17.06 20.44 3.13
N LYS A 439 -18.37 20.66 3.11
CA LYS A 439 -19.26 19.89 2.25
C LYS A 439 -20.11 20.85 1.46
N PRO A 440 -19.72 21.15 0.23
CA PRO A 440 -20.33 22.13 -0.65
C PRO A 440 -21.81 21.82 -0.86
N GLU A 441 -22.63 22.85 -1.06
CA GLU A 441 -24.09 22.67 -1.46
C GLU A 441 -24.30 21.54 -2.43
N ASN A 442 -23.46 21.51 -3.46
CA ASN A 442 -23.57 20.59 -4.57
C ASN A 442 -23.14 19.17 -4.30
N MET A 443 -22.52 18.89 -3.17
CA MET A 443 -21.90 17.60 -3.04
C MET A 443 -22.92 16.66 -2.43
N SER A 444 -22.90 15.40 -2.82
CA SER A 444 -23.84 14.40 -2.24
C SER A 444 -23.24 13.01 -2.29
N GLY A 445 -24.07 12.00 -1.97
CA GLY A 445 -23.62 10.67 -1.96
C GLY A 445 -22.62 10.35 -0.88
N GLY A 446 -21.88 9.24 -1.12
CA GLY A 446 -20.95 8.73 -0.10
C GLY A 446 -19.86 9.71 0.22
N GLN A 447 -19.49 10.51 -0.77
CA GLN A 447 -18.50 11.56 -0.53
C GLN A 447 -18.96 12.59 0.55
N ALA A 448 -20.19 13.07 0.40
CA ALA A 448 -20.80 13.93 1.43
C ALA A 448 -20.96 13.21 2.77
N LYS A 449 -21.37 11.96 2.74
CA LYS A 449 -21.59 11.25 3.95
C LYS A 449 -20.31 10.99 4.73
N ILE A 450 -19.23 10.58 4.02
CA ILE A 450 -17.97 10.30 4.77
C ILE A 450 -17.41 11.58 5.40
N ARG A 451 -17.56 12.70 4.73
CA ARG A 451 -17.13 13.93 5.27
C ARG A 451 -17.91 14.25 6.54
N SER A 452 -19.21 14.05 6.52
CA SER A 452 -20.00 14.28 7.71
C SER A 452 -19.60 13.37 8.87
N ILE A 453 -19.40 12.09 8.56
CA ILE A 453 -19.02 11.12 9.60
C ILE A 453 -17.66 11.51 10.21
N ALA A 454 -16.70 11.92 9.37
CA ALA A 454 -15.44 12.42 9.91
C ALA A 454 -15.59 13.63 10.84
N ASN A 455 -16.36 14.58 10.39
CA ASN A 455 -16.66 15.73 11.20
C ASN A 455 -17.31 15.39 12.52
N GLN A 456 -18.24 14.45 12.54
CA GLN A 456 -18.81 13.95 13.78
C GLN A 456 -17.77 13.31 14.72
N ALA A 457 -16.91 12.46 14.16
CA ALA A 457 -15.81 11.93 14.89
C ALA A 457 -14.84 12.99 15.38
N LEU A 458 -14.54 14.02 14.60
CA LEU A 458 -13.68 15.04 15.13
C LEU A 458 -14.36 15.76 16.29
N LYS A 459 -15.68 15.95 16.22
CA LYS A 459 -16.41 16.62 17.34
C LYS A 459 -16.46 15.80 18.59
N SER A 460 -16.75 14.52 18.49
CA SER A 460 -16.87 13.64 19.65
C SER A 460 -15.55 13.05 20.11
N SER A 461 -14.59 12.95 19.20
CA SER A 461 -13.28 12.41 19.53
C SER A 461 -13.22 10.87 19.57
N GLY A 462 -14.26 10.19 19.11
CA GLY A 462 -14.28 8.75 19.07
C GLY A 462 -15.08 8.32 17.84
N PHE A 463 -14.98 7.04 17.53
CA PHE A 463 -15.61 6.44 16.35
C PHE A 463 -15.67 4.93 16.56
N ASN A 464 -16.70 4.29 16.04
CA ASN A 464 -16.76 2.87 15.99
C ASN A 464 -17.11 2.38 14.59
N VAL A 465 -16.20 1.64 14.00
CA VAL A 465 -16.31 1.27 12.59
C VAL A 465 -17.31 0.15 12.34
N ASP A 466 -17.48 -0.76 13.31
CA ASP A 466 -18.16 -2.06 13.08
C ASP A 466 -19.54 -2.01 12.46
N LYS A 467 -20.32 -1.02 12.89
CA LYS A 467 -21.66 -0.79 12.43
C LYS A 467 -21.70 -0.70 10.90
N TYR A 468 -20.76 0.09 10.34
CA TYR A 468 -20.71 0.35 8.90
C TYR A 468 -20.29 -0.90 8.17
N ILE A 469 -19.30 -1.60 8.71
CA ILE A 469 -18.82 -2.85 8.13
C ILE A 469 -19.92 -3.90 8.11
N HIS A 470 -20.53 -4.14 9.29
CA HIS A 470 -21.64 -5.10 9.41
C HIS A 470 -22.76 -4.77 8.42
N HIS A 471 -23.19 -3.50 8.31
CA HIS A 471 -24.15 -3.16 7.29
C HIS A 471 -23.76 -3.48 5.82
N ALA A 472 -22.47 -3.32 5.49
CA ALA A 472 -22.01 -3.58 4.11
C ALA A 472 -22.05 -5.04 3.81
N ALA A 473 -21.62 -5.83 4.75
CA ALA A 473 -21.60 -7.25 4.64
C ALA A 473 -23.03 -7.82 4.60
N LYS A 474 -23.97 -7.26 5.36
CA LYS A 474 -25.34 -7.72 5.28
C LYS A 474 -25.91 -7.40 3.92
N LEU A 475 -25.57 -6.26 3.40
CA LEU A 475 -26.10 -5.83 2.13
C LEU A 475 -25.69 -6.75 0.99
N GLU A 476 -24.73 -7.66 1.26
CA GLU A 476 -24.24 -8.67 0.33
C GLU A 476 -25.23 -9.79 0.13
#